data_6BHP
#
_entry.id   6BHP
#
_cell.length_a   85.235
_cell.length_b   85.235
_cell.length_c   209.784
_cell.angle_alpha   90.000
_cell.angle_beta   90.000
_cell.angle_gamma   120.000
#
_symmetry.space_group_name_H-M   'P 31 2 1'
#
loop_
_entity.id
_entity.type
_entity.pdbx_description
1 polymer 'Membrane protein'
2 non-polymer 'MERCURY (II) ION'
3 non-polymer 'CARBON DIOXIDE'
#
_entity_poly.entity_id   1
_entity_poly.type   'polypeptide(L)'
_entity_poly.pdbx_seq_one_letter_code
;MGSGLNKFIYVGLVISQLLTLAAYVVVTAGAALLQKKANTLTLFDTQEGIDKYTPVYKEVFTATTYIIAYPQQPQYQFQY
QWWIIQFELFVFLLTAACTVFPSIIKRMRPVALTFIASALVLVMDNINAIFFLLRNETAKAVFDDYRIATAQAGLIMVGV
ANGLTIFFLGSYDAEESHAMPNVHVTSDGATKVSNSLVPR
;
_entity_poly.pdbx_strand_id   A,B,C
#
# COMPACT_ATOMS: atom_id res chain seq x y z
N GLY A 4 0.11 -31.63 20.41
CA GLY A 4 1.54 -31.77 20.22
C GLY A 4 2.15 -30.63 19.43
N LEU A 5 1.71 -30.48 18.19
CA LEU A 5 2.16 -29.37 17.36
C LEU A 5 1.67 -28.03 17.89
N ASN A 6 0.61 -28.03 18.69
CA ASN A 6 -0.04 -26.78 19.08
C ASN A 6 0.78 -26.03 20.14
N LYS A 7 1.27 -26.74 21.16
CA LYS A 7 2.09 -26.08 22.17
C LYS A 7 3.35 -25.48 21.57
N PHE A 8 3.87 -26.08 20.50
CA PHE A 8 4.93 -25.43 19.73
C PHE A 8 4.45 -24.13 19.12
N ILE A 9 3.29 -24.16 18.47
CA ILE A 9 2.78 -22.97 17.80
C ILE A 9 2.44 -21.88 18.81
N TYR A 10 1.94 -22.26 19.99
CA TYR A 10 1.63 -21.26 21.01
C TYR A 10 2.89 -20.54 21.48
N VAL A 11 3.98 -21.29 21.65
CA VAL A 11 5.25 -20.66 22.01
C VAL A 11 5.73 -19.75 20.88
N GLY A 12 5.74 -20.26 19.65
CA GLY A 12 6.05 -19.43 18.52
C GLY A 12 5.14 -18.23 18.40
N LEU A 13 3.90 -18.35 18.92
CA LEU A 13 3.00 -17.21 18.97
C LEU A 13 3.33 -16.27 20.12
N VAL A 14 3.65 -16.82 21.29
CA VAL A 14 4.04 -15.99 22.42
C VAL A 14 5.38 -15.32 22.16
N ILE A 15 6.35 -16.07 21.61
CA ILE A 15 7.64 -15.48 21.27
C ILE A 15 7.46 -14.37 20.24
N SER A 16 6.72 -14.64 19.17
CA SER A 16 6.49 -13.62 18.14
C SER A 16 5.77 -12.41 18.72
N GLN A 17 4.97 -12.61 19.77
CA GLN A 17 4.29 -11.48 20.39
C GLN A 17 5.26 -10.64 21.22
N LEU A 18 6.30 -11.27 21.77
CA LEU A 18 7.31 -10.52 22.52
C LEU A 18 8.27 -9.81 21.58
N LEU A 19 8.63 -10.45 20.47
CA LEU A 19 9.49 -9.81 19.49
C LEU A 19 8.78 -8.65 18.80
N THR A 20 7.45 -8.73 18.69
CA THR A 20 6.68 -7.57 18.24
C THR A 20 6.85 -6.41 19.22
N LEU A 21 6.88 -6.71 20.52
CA LEU A 21 6.99 -5.66 21.53
C LEU A 21 8.35 -4.96 21.45
N ALA A 22 9.43 -5.74 21.38
CA ALA A 22 10.76 -5.13 21.27
C ALA A 22 10.90 -4.35 19.98
N ALA A 23 10.17 -4.73 18.93
CA ALA A 23 10.19 -3.98 17.68
C ALA A 23 9.53 -2.61 17.84
N TYR A 24 8.52 -2.52 18.71
CA TYR A 24 7.84 -1.24 18.92
C TYR A 24 8.78 -0.21 19.51
N VAL A 25 9.64 -0.63 20.45
CA VAL A 25 10.62 0.27 21.06
C VAL A 25 11.53 0.86 19.99
N VAL A 26 12.30 0.00 19.31
CA VAL A 26 13.32 0.45 18.37
C VAL A 26 12.72 1.37 17.32
N VAL A 27 11.52 1.05 16.85
CA VAL A 27 10.80 1.93 15.93
C VAL A 27 10.58 3.29 16.58
N THR A 28 9.78 3.31 17.66
CA THR A 28 9.47 4.55 18.34
C THR A 28 10.73 5.30 18.76
N ALA A 29 11.81 4.58 19.07
CA ALA A 29 13.10 5.20 19.33
C ALA A 29 13.55 6.03 18.14
N GLY A 30 13.84 5.37 17.02
CA GLY A 30 14.28 6.08 15.83
C GLY A 30 13.22 7.04 15.30
N ALA A 31 11.95 6.70 15.45
CA ALA A 31 10.89 7.61 15.05
C ALA A 31 10.93 8.90 15.86
N ALA A 32 11.05 8.77 17.19
CA ALA A 32 11.20 9.95 18.02
C ALA A 32 12.55 10.62 17.81
N LEU A 33 13.58 9.84 17.51
CA LEU A 33 14.89 10.43 17.20
C LEU A 33 14.81 11.29 15.95
N LEU A 34 14.20 10.77 14.90
CA LEU A 34 14.01 11.56 13.68
C LEU A 34 13.09 12.75 13.95
N GLN A 35 12.05 12.56 14.76
CA GLN A 35 11.15 13.66 15.08
C GLN A 35 11.86 14.74 15.87
N LYS A 36 12.68 14.35 16.85
CA LYS A 36 13.49 15.33 17.57
C LYS A 36 14.44 16.06 16.63
N LYS A 37 14.91 15.37 15.58
CA LYS A 37 15.75 16.04 14.59
C LYS A 37 14.93 16.97 13.71
N ALA A 38 13.71 16.57 13.38
CA ALA A 38 12.86 17.39 12.51
C ALA A 38 12.44 18.69 13.21
N ASN A 39 12.29 18.66 14.53
CA ASN A 39 11.86 19.85 15.27
C ASN A 39 12.99 20.85 15.47
N THR A 40 14.24 20.42 15.41
CA THR A 40 15.39 21.27 15.68
C THR A 40 16.02 21.86 14.43
N LEU A 41 15.46 21.62 13.25
CA LEU A 41 16.10 22.02 12.00
C LEU A 41 16.27 23.53 11.94
N THR A 42 17.52 23.97 11.74
CA THR A 42 17.86 25.37 11.59
C THR A 42 17.93 25.80 10.13
N LEU A 43 17.61 24.90 9.20
CA LEU A 43 17.56 25.27 7.78
C LEU A 43 16.65 26.46 7.57
N PHE A 44 15.44 26.40 8.11
CA PHE A 44 14.42 27.42 7.92
C PHE A 44 14.40 28.45 9.03
N ASP A 45 15.33 28.38 9.98
CA ASP A 45 15.50 29.44 10.95
C ASP A 45 15.76 30.77 10.24
N THR A 46 16.93 30.89 9.62
CA THR A 46 17.24 32.09 8.86
C THR A 46 16.43 32.10 7.56
N GLN A 47 15.72 33.20 7.32
CA GLN A 47 15.04 33.38 6.04
C GLN A 47 15.99 33.20 4.87
N GLU A 48 17.27 33.52 5.07
CA GLU A 48 18.32 33.13 4.14
C GLU A 48 18.23 31.64 3.81
N GLY A 49 18.43 30.78 4.83
CA GLY A 49 18.38 29.35 4.62
C GLY A 49 17.03 28.82 4.20
N ILE A 50 15.96 29.60 4.38
CA ILE A 50 14.63 29.18 3.94
C ILE A 50 14.62 28.95 2.44
N ASP A 51 15.25 29.85 1.69
CA ASP A 51 15.16 29.80 0.23
C ASP A 51 16.10 28.75 -0.37
N LYS A 52 17.30 28.58 0.20
CA LYS A 52 18.27 27.68 -0.40
C LYS A 52 17.99 26.22 -0.07
N TYR A 53 17.62 25.92 1.17
CA TYR A 53 17.48 24.54 1.62
C TYR A 53 16.13 23.92 1.26
N THR A 54 15.10 24.74 0.99
CA THR A 54 13.79 24.17 0.75
C THR A 54 13.72 23.30 -0.51
N PRO A 55 14.29 23.70 -1.67
CA PRO A 55 14.21 22.82 -2.84
C PRO A 55 14.81 21.44 -2.60
N VAL A 56 15.92 21.36 -1.87
CA VAL A 56 16.50 20.07 -1.53
C VAL A 56 15.63 19.33 -0.54
N TYR A 57 15.12 20.03 0.48
CA TYR A 57 14.32 19.39 1.51
C TYR A 57 13.10 18.70 0.92
N LYS A 58 12.43 19.35 -0.03
CA LYS A 58 11.29 18.72 -0.68
C LYS A 58 11.74 17.58 -1.58
N GLU A 59 12.73 17.85 -2.43
CA GLU A 59 13.21 16.82 -3.35
C GLU A 59 13.69 15.58 -2.60
N VAL A 60 14.43 15.77 -1.51
CA VAL A 60 14.98 14.64 -0.76
C VAL A 60 13.86 13.76 -0.22
N PHE A 61 12.84 14.38 0.37
CA PHE A 61 11.73 13.59 0.92
C PHE A 61 10.83 13.05 -0.18
N THR A 62 10.49 13.89 -1.16
CA THR A 62 9.63 13.43 -2.23
C THR A 62 10.33 12.51 -3.20
N ALA A 63 11.66 12.43 -3.18
CA ALA A 63 12.36 11.43 -3.99
C ALA A 63 11.97 10.03 -3.56
N THR A 64 11.85 9.80 -2.25
CA THR A 64 11.10 8.66 -1.77
C THR A 64 9.64 8.84 -2.15
N THR A 65 9.00 7.75 -2.54
CA THR A 65 7.62 7.79 -2.99
C THR A 65 6.62 7.66 -1.84
N TYR A 66 7.09 7.70 -0.60
CA TYR A 66 6.23 7.51 0.57
C TYR A 66 6.12 8.79 1.38
N ILE A 67 7.20 9.24 2.00
CA ILE A 67 7.15 10.32 2.99
C ILE A 67 6.93 11.65 2.27
N ILE A 68 5.86 12.35 2.63
CA ILE A 68 5.54 13.64 2.03
C ILE A 68 6.35 14.73 2.73
N ALA A 69 6.89 15.66 1.95
CA ALA A 69 7.76 16.70 2.48
C ALA A 69 6.92 17.82 3.08
N TYR A 70 7.12 18.08 4.38
CA TYR A 70 6.51 19.19 5.09
C TYR A 70 7.64 20.03 5.66
N PRO A 71 8.26 20.89 4.85
CA PRO A 71 9.55 21.47 5.26
C PRO A 71 9.48 22.31 6.52
N GLN A 72 8.55 23.26 6.59
CA GLN A 72 8.42 24.12 7.76
C GLN A 72 7.34 23.64 8.72
N GLN A 73 6.75 22.48 8.47
CA GLN A 73 5.76 21.88 9.36
C GLN A 73 6.36 20.57 9.87
N PRO A 74 7.28 20.63 10.85
CA PRO A 74 7.95 19.39 11.30
C PRO A 74 7.02 18.38 11.95
N GLN A 75 5.82 18.79 12.35
CA GLN A 75 4.89 17.87 12.99
C GLN A 75 4.25 16.91 12.01
N TYR A 76 4.11 17.30 10.74
CA TYR A 76 3.51 16.46 9.73
C TYR A 76 4.53 15.66 8.93
N GLN A 77 5.82 15.85 9.19
CA GLN A 77 6.85 15.23 8.36
C GLN A 77 6.74 13.71 8.37
N PHE A 78 6.72 13.12 9.55
CA PHE A 78 6.68 11.68 9.75
C PHE A 78 5.28 11.14 10.03
N GLN A 79 4.23 11.96 9.83
CA GLN A 79 2.88 11.61 10.26
C GLN A 79 2.48 10.20 9.86
N TYR A 80 2.83 9.77 8.64
CA TYR A 80 2.44 8.43 8.22
C TYR A 80 3.28 7.35 8.90
N GLN A 81 4.49 7.68 9.32
CA GLN A 81 5.29 6.74 10.09
C GLN A 81 4.65 6.48 11.45
N TRP A 82 4.22 7.55 12.12
CA TRP A 82 3.56 7.38 13.41
C TRP A 82 2.24 6.63 13.28
N TRP A 83 1.60 6.71 12.11
CA TRP A 83 0.31 6.05 11.93
C TRP A 83 0.45 4.54 12.07
N ILE A 84 1.34 3.94 11.28
CA ILE A 84 1.53 2.50 11.36
C ILE A 84 2.04 2.10 12.74
N ILE A 85 2.81 2.99 13.39
CA ILE A 85 3.24 2.74 14.77
C ILE A 85 2.03 2.58 15.67
N GLN A 86 1.10 3.54 15.61
CA GLN A 86 -0.14 3.42 16.36
C GLN A 86 -0.98 2.26 15.83
N PHE A 87 -1.00 2.09 14.51
CA PHE A 87 -1.76 0.99 13.93
C PHE A 87 -1.19 -0.36 14.34
N GLU A 88 0.14 -0.50 14.32
CA GLU A 88 0.77 -1.68 14.88
C GLU A 88 0.42 -1.84 16.35
N LEU A 89 0.42 -0.73 17.09
CA LEU A 89 0.04 -0.77 18.51
C LEU A 89 -1.39 -1.28 18.67
N PHE A 90 -2.31 -0.76 17.85
CA PHE A 90 -3.69 -1.24 17.90
C PHE A 90 -3.78 -2.70 17.48
N VAL A 91 -3.06 -3.08 16.42
CA VAL A 91 -3.06 -4.48 16.00
C VAL A 91 -2.37 -5.36 17.03
N PHE A 92 -1.34 -4.84 17.70
CA PHE A 92 -0.71 -5.63 18.76
C PHE A 92 -1.67 -5.87 19.92
N LEU A 93 -2.55 -4.91 20.22
CA LEU A 93 -3.56 -5.12 21.24
C LEU A 93 -4.49 -6.26 20.86
N LEU A 94 -4.84 -6.35 19.57
CA LEU A 94 -5.69 -7.43 19.10
C LEU A 94 -4.96 -8.77 19.16
N THR A 95 -3.74 -8.82 18.62
CA THR A 95 -3.03 -10.09 18.54
C THR A 95 -2.59 -10.58 19.92
N ALA A 96 -2.26 -9.67 20.83
CA ALA A 96 -1.79 -10.09 22.15
C ALA A 96 -2.90 -10.70 22.97
N ALA A 97 -4.06 -10.04 23.05
CA ALA A 97 -5.20 -10.59 23.78
C ALA A 97 -5.62 -11.93 23.22
N CYS A 98 -5.32 -12.21 21.95
CA CYS A 98 -5.53 -13.55 21.41
C CYS A 98 -4.66 -14.57 22.12
N THR A 99 -3.38 -14.24 22.33
CA THR A 99 -2.47 -15.18 22.97
C THR A 99 -2.59 -15.20 24.49
N VAL A 100 -3.08 -14.12 25.11
CA VAL A 100 -3.23 -14.11 26.56
C VAL A 100 -4.47 -14.89 26.97
N PHE A 101 -5.56 -14.77 26.21
CA PHE A 101 -6.78 -15.53 26.43
C PHE A 101 -7.04 -16.35 25.17
N PRO A 102 -6.32 -17.46 24.99
CA PRO A 102 -6.40 -18.19 23.72
C PRO A 102 -7.78 -18.73 23.37
N SER A 103 -8.71 -18.78 24.34
CA SER A 103 -10.05 -19.25 24.02
C SER A 103 -10.72 -18.37 22.99
N ILE A 104 -10.41 -17.07 22.98
CA ILE A 104 -11.02 -16.15 22.02
C ILE A 104 -10.29 -16.12 20.70
N ILE A 105 -9.23 -16.90 20.53
CA ILE A 105 -8.60 -17.05 19.21
C ILE A 105 -9.62 -17.59 18.22
N LYS A 106 -10.44 -18.54 18.66
CA LYS A 106 -11.51 -19.10 17.83
C LYS A 106 -12.32 -17.98 17.16
N ARG A 107 -12.96 -17.15 17.97
CA ARG A 107 -13.88 -16.14 17.44
C ARG A 107 -13.14 -14.95 16.85
N MET A 108 -12.13 -14.44 17.55
CA MET A 108 -11.55 -13.14 17.21
C MET A 108 -10.51 -13.20 16.08
N ARG A 109 -9.81 -14.32 15.92
CA ARG A 109 -8.58 -14.38 15.10
C ARG A 109 -8.65 -13.68 13.76
N PRO A 110 -9.65 -13.91 12.89
CA PRO A 110 -9.60 -13.27 11.56
C PRO A 110 -9.62 -11.75 11.61
N VAL A 111 -10.08 -11.15 12.72
CA VAL A 111 -10.00 -9.70 12.87
C VAL A 111 -8.54 -9.25 12.88
N ALA A 112 -7.72 -9.92 13.69
CA ALA A 112 -6.31 -9.56 13.78
C ALA A 112 -5.60 -9.83 12.45
N LEU A 113 -5.87 -10.97 11.82
CA LEU A 113 -5.23 -11.29 10.56
C LEU A 113 -5.59 -10.29 9.47
N THR A 114 -6.80 -9.75 9.50
CA THR A 114 -7.20 -8.77 8.51
C THR A 114 -6.43 -7.47 8.69
N PHE A 115 -6.38 -6.96 9.91
CA PHE A 115 -5.63 -5.74 10.19
C PHE A 115 -4.14 -5.94 9.97
N ILE A 116 -3.60 -7.03 10.50
CA ILE A 116 -2.15 -7.27 10.39
C ILE A 116 -1.74 -7.40 8.93
N ALA A 117 -2.64 -7.91 8.09
CA ALA A 117 -2.41 -7.86 6.64
C ALA A 117 -2.24 -6.42 6.19
N SER A 118 -3.28 -5.60 6.37
CA SER A 118 -3.19 -4.18 6.04
C SER A 118 -2.03 -3.51 6.75
N ALA A 119 -1.78 -3.90 8.01
CA ALA A 119 -0.67 -3.32 8.75
C ALA A 119 0.67 -3.70 8.14
N LEU A 120 0.77 -4.93 7.63
CA LEU A 120 2.05 -5.44 7.16
C LEU A 120 2.54 -4.67 5.93
N VAL A 121 1.66 -4.49 4.93
CA VAL A 121 2.06 -3.79 3.72
C VAL A 121 2.50 -2.37 4.04
N LEU A 122 1.80 -1.72 4.97
CA LEU A 122 2.24 -0.41 5.45
C LEU A 122 3.66 -0.48 6.01
N VAL A 123 4.03 -1.59 6.63
CA VAL A 123 5.39 -1.77 7.11
C VAL A 123 6.34 -1.98 5.94
N MET A 124 5.92 -2.78 4.95
CA MET A 124 6.78 -3.05 3.80
C MET A 124 6.98 -1.81 2.95
N ASP A 125 5.91 -1.04 2.73
CA ASP A 125 6.05 0.20 1.96
C ASP A 125 6.98 1.18 2.65
N ASN A 126 7.07 1.12 3.98
CA ASN A 126 7.90 2.08 4.71
C ASN A 126 9.38 1.76 4.57
N ILE A 127 9.75 0.48 4.54
CA ILE A 127 11.17 0.13 4.52
C ILE A 127 11.82 0.50 3.20
N ASN A 128 11.10 0.32 2.09
CA ASN A 128 11.63 0.73 0.79
C ASN A 128 11.91 2.23 0.76
N ALA A 129 11.02 3.03 1.32
CA ALA A 129 11.25 4.46 1.46
C ALA A 129 12.51 4.75 2.26
N ILE A 130 12.53 4.35 3.53
CA ILE A 130 13.65 4.62 4.43
C ILE A 130 14.96 4.11 3.85
N PHE A 131 14.91 3.06 3.02
CA PHE A 131 16.12 2.56 2.38
C PHE A 131 16.77 3.62 1.51
N PHE A 132 15.97 4.30 0.68
CA PHE A 132 16.50 5.39 -0.14
C PHE A 132 17.11 6.48 0.74
N LEU A 133 16.47 6.79 1.87
CA LEU A 133 17.01 7.77 2.79
C LEU A 133 18.34 7.32 3.37
N LEU A 134 18.51 6.01 3.59
CA LEU A 134 19.81 5.49 4.00
C LEU A 134 20.83 5.58 2.87
N ARG A 135 20.36 5.58 1.61
CA ARG A 135 21.24 5.65 0.46
C ARG A 135 21.38 7.06 -0.09
N ASN A 136 20.79 8.06 0.56
CA ASN A 136 20.88 9.45 0.15
C ASN A 136 21.73 10.22 1.15
N GLU A 137 22.77 10.90 0.66
CA GLU A 137 23.69 11.61 1.54
C GLU A 137 23.04 12.86 2.14
N THR A 138 22.33 13.64 1.32
CA THR A 138 21.71 14.87 1.81
C THR A 138 20.79 14.60 2.98
N ALA A 139 19.95 13.55 2.86
CA ALA A 139 19.04 13.21 3.96
C ALA A 139 19.80 12.81 5.20
N LYS A 140 20.90 12.06 5.04
CA LYS A 140 21.68 11.60 6.18
C LYS A 140 22.45 12.73 6.85
N ALA A 141 22.74 13.80 6.14
CA ALA A 141 23.38 14.95 6.77
C ALA A 141 22.38 15.69 7.66
N VAL A 142 21.23 16.06 7.11
CA VAL A 142 20.17 16.71 7.87
C VAL A 142 19.75 15.83 9.04
N PHE A 143 19.09 14.72 8.73
CA PHE A 143 18.74 13.72 9.73
C PHE A 143 19.85 12.67 9.78
N ASP A 144 20.53 12.57 10.92
CA ASP A 144 21.72 11.73 10.99
C ASP A 144 21.39 10.27 10.74
N ASP A 145 22.40 9.52 10.30
CA ASP A 145 22.19 8.17 9.79
C ASP A 145 21.70 7.23 10.89
N TYR A 146 22.31 7.28 12.08
CA TYR A 146 21.90 6.39 13.15
C TYR A 146 20.43 6.59 13.51
N ARG A 147 19.92 7.81 13.36
CA ARG A 147 18.49 8.03 13.55
C ARG A 147 17.68 7.34 12.47
N ILE A 148 18.11 7.49 11.21
CA ILE A 148 17.41 6.83 10.11
C ILE A 148 17.54 5.31 10.24
N ALA A 149 18.77 4.84 10.48
CA ALA A 149 19.00 3.40 10.57
C ALA A 149 18.24 2.79 11.75
N THR A 150 18.15 3.52 12.86
CA THR A 150 17.41 3.01 14.01
C THR A 150 15.94 2.82 13.65
N ALA A 151 15.31 3.86 13.10
CA ALA A 151 13.93 3.71 12.64
C ALA A 151 13.82 2.60 11.61
N GLN A 152 14.84 2.46 10.75
CA GLN A 152 14.81 1.39 9.76
C GLN A 152 14.99 0.03 10.41
N ALA A 153 15.96 -0.10 11.31
CA ALA A 153 16.17 -1.37 12.01
C ALA A 153 14.89 -1.82 12.71
N GLY A 154 14.20 -0.89 13.36
CA GLY A 154 12.95 -1.23 14.02
C GLY A 154 11.90 -1.70 13.03
N LEU A 155 11.74 -0.97 11.92
CA LEU A 155 10.73 -1.34 10.93
C LEU A 155 10.95 -2.74 10.41
N ILE A 156 12.21 -3.14 10.22
CA ILE A 156 12.50 -4.52 9.83
C ILE A 156 12.03 -5.49 10.89
N MET A 157 12.08 -5.08 12.16
CA MET A 157 11.76 -6.01 13.25
C MET A 157 10.26 -6.24 13.38
N VAL A 158 9.44 -5.19 13.24
CA VAL A 158 8.00 -5.42 13.29
C VAL A 158 7.54 -6.14 12.04
N GLY A 159 8.26 -5.97 10.93
CA GLY A 159 7.91 -6.69 9.72
C GLY A 159 8.01 -8.20 9.91
N VAL A 160 9.15 -8.67 10.40
CA VAL A 160 9.33 -10.11 10.59
C VAL A 160 8.45 -10.62 11.71
N ALA A 161 8.29 -9.82 12.77
CA ALA A 161 7.42 -10.23 13.89
C ALA A 161 5.99 -10.40 13.42
N ASN A 162 5.48 -9.46 12.62
CA ASN A 162 4.17 -9.64 12.02
C ASN A 162 4.14 -10.89 11.14
N GLY A 163 5.23 -11.14 10.41
CA GLY A 163 5.29 -12.33 9.58
C GLY A 163 5.21 -13.61 10.38
N LEU A 164 5.86 -13.63 11.55
CA LEU A 164 5.77 -14.81 12.41
C LEU A 164 4.38 -14.93 13.01
N THR A 165 3.80 -13.82 13.49
CA THR A 165 2.45 -13.85 14.04
C THR A 165 1.45 -14.40 13.03
N ILE A 166 1.64 -14.08 11.76
CA ILE A 166 0.75 -14.63 10.72
C ILE A 166 0.92 -16.15 10.61
N PHE A 167 2.14 -16.65 10.81
CA PHE A 167 2.38 -18.08 10.69
C PHE A 167 1.88 -18.86 11.90
N PHE A 168 1.96 -18.28 13.09
CA PHE A 168 1.61 -18.98 14.32
C PHE A 168 0.15 -18.76 14.70
N LEU A 169 -0.22 -17.51 14.98
CA LEU A 169 -1.63 -17.21 15.21
C LEU A 169 -2.50 -17.69 14.06
N GLY A 170 -1.99 -17.58 12.83
CA GLY A 170 -2.71 -18.03 11.66
C GLY A 170 -3.10 -19.49 11.73
N SER A 171 -2.12 -20.37 11.90
CA SER A 171 -2.38 -21.80 12.01
C SER A 171 -2.28 -22.16 13.49
N TYR A 172 -3.42 -22.39 14.12
CA TYR A 172 -3.47 -22.71 15.55
C TYR A 172 -4.74 -23.48 15.83
N ASP A 173 -4.68 -24.31 16.87
CA ASP A 173 -5.67 -25.37 17.17
C ASP A 173 -6.87 -25.48 16.23
N GLY B 4 -20.53 -31.53 -3.72
CA GLY B 4 -21.45 -30.75 -4.55
C GLY B 4 -20.74 -29.68 -5.34
N LEU B 5 -21.11 -28.42 -5.11
CA LEU B 5 -20.40 -27.30 -5.73
C LEU B 5 -18.97 -27.17 -5.24
N ASN B 6 -18.59 -27.93 -4.21
CA ASN B 6 -17.24 -27.83 -3.66
C ASN B 6 -16.18 -28.18 -4.69
N LYS B 7 -16.44 -29.22 -5.50
CA LYS B 7 -15.45 -29.63 -6.50
C LYS B 7 -15.36 -28.66 -7.66
N PHE B 8 -16.38 -27.84 -7.88
CA PHE B 8 -16.24 -26.74 -8.83
C PHE B 8 -15.25 -25.71 -8.33
N ILE B 9 -15.36 -25.34 -7.05
CA ILE B 9 -14.43 -24.40 -6.45
C ILE B 9 -13.00 -24.93 -6.56
N TYR B 10 -12.81 -26.24 -6.35
CA TYR B 10 -11.48 -26.81 -6.45
C TYR B 10 -10.93 -26.71 -7.86
N VAL B 11 -11.79 -26.91 -8.87
CA VAL B 11 -11.35 -26.75 -10.25
C VAL B 11 -10.89 -25.32 -10.50
N GLY B 12 -11.63 -24.35 -9.95
CA GLY B 12 -11.21 -22.96 -10.04
C GLY B 12 -9.88 -22.71 -9.34
N LEU B 13 -9.65 -23.40 -8.23
CA LEU B 13 -8.40 -23.23 -7.49
C LEU B 13 -7.22 -23.75 -8.30
N VAL B 14 -7.34 -24.96 -8.84
CA VAL B 14 -6.25 -25.55 -9.61
C VAL B 14 -5.91 -24.68 -10.81
N ILE B 15 -6.92 -24.12 -11.47
CA ILE B 15 -6.66 -23.27 -12.62
C ILE B 15 -6.09 -21.93 -12.19
N SER B 16 -6.57 -21.40 -11.05
CA SER B 16 -6.01 -20.15 -10.55
C SER B 16 -4.57 -20.34 -10.08
N GLN B 17 -4.28 -21.46 -9.41
CA GLN B 17 -2.91 -21.76 -9.02
C GLN B 17 -2.01 -21.92 -10.24
N LEU B 18 -2.53 -22.45 -11.34
CA LEU B 18 -1.75 -22.55 -12.56
C LEU B 18 -1.70 -21.23 -13.30
N LEU B 19 -2.76 -20.42 -13.20
CA LEU B 19 -2.69 -19.06 -13.73
C LEU B 19 -1.70 -18.22 -12.94
N THR B 20 -1.59 -18.47 -11.63
CA THR B 20 -0.59 -17.76 -10.81
C THR B 20 0.82 -18.10 -11.27
N LEU B 21 1.10 -19.39 -11.47
CA LEU B 21 2.40 -19.79 -11.99
C LEU B 21 2.61 -19.25 -13.40
N ALA B 22 1.58 -19.32 -14.24
CA ALA B 22 1.69 -18.81 -15.61
C ALA B 22 1.94 -17.31 -15.62
N ALA B 23 1.22 -16.57 -14.78
CA ALA B 23 1.45 -15.13 -14.69
C ALA B 23 2.86 -14.83 -14.20
N TYR B 24 3.35 -15.61 -13.24
CA TYR B 24 4.64 -15.36 -12.62
C TYR B 24 5.77 -15.24 -13.63
N VAL B 25 5.69 -15.99 -14.74
CA VAL B 25 6.77 -15.98 -15.72
C VAL B 25 6.75 -14.67 -16.52
N VAL B 26 5.55 -14.18 -16.86
CA VAL B 26 5.46 -13.00 -17.72
C VAL B 26 5.99 -11.77 -17.01
N VAL B 27 5.74 -11.64 -15.71
CA VAL B 27 6.24 -10.48 -14.97
C VAL B 27 7.75 -10.54 -14.86
N THR B 28 8.29 -11.69 -14.46
CA THR B 28 9.74 -11.83 -14.35
C THR B 28 10.42 -11.57 -15.67
N ALA B 29 9.78 -11.94 -16.79
CA ALA B 29 10.31 -11.59 -18.10
C ALA B 29 10.34 -10.08 -18.29
N GLY B 30 9.20 -9.42 -18.06
CA GLY B 30 9.16 -7.97 -18.17
C GLY B 30 10.06 -7.28 -17.17
N ALA B 31 10.27 -7.89 -16.00
CA ALA B 31 11.20 -7.34 -15.03
C ALA B 31 12.64 -7.59 -15.44
N ALA B 32 12.93 -8.76 -16.01
CA ALA B 32 14.28 -9.04 -16.50
C ALA B 32 14.62 -8.16 -17.69
N LEU B 33 13.62 -7.87 -18.54
CA LEU B 33 13.82 -6.95 -19.65
C LEU B 33 14.23 -5.57 -19.15
N LEU B 34 13.49 -5.04 -18.19
CA LEU B 34 13.77 -3.70 -17.66
C LEU B 34 15.13 -3.67 -16.96
N GLN B 35 15.41 -4.66 -16.13
CA GLN B 35 16.70 -4.69 -15.44
C GLN B 35 17.84 -4.83 -16.44
N LYS B 36 17.63 -5.61 -17.51
CA LYS B 36 18.59 -5.65 -18.60
C LYS B 36 18.81 -4.24 -19.17
N LYS B 37 17.71 -3.54 -19.48
CA LYS B 37 17.81 -2.19 -19.99
C LYS B 37 18.33 -1.23 -18.94
N ALA B 38 18.03 -1.48 -17.66
CA ALA B 38 18.55 -0.62 -16.60
C ALA B 38 20.03 -0.88 -16.35
N ASN B 39 20.39 -2.17 -16.20
CA ASN B 39 21.78 -2.52 -15.95
C ASN B 39 22.71 -2.09 -17.07
N THR B 40 22.20 -1.94 -18.29
CA THR B 40 23.00 -1.40 -19.39
C THR B 40 22.23 -0.23 -20.02
N LEU B 41 22.71 0.98 -19.76
CA LEU B 41 22.31 2.17 -20.50
C LEU B 41 23.45 3.17 -20.44
N THR B 42 23.66 3.89 -21.53
CA THR B 42 24.82 4.75 -21.70
C THR B 42 24.55 6.21 -21.35
N LEU B 43 23.37 6.53 -20.82
CA LEU B 43 23.06 7.93 -20.47
C LEU B 43 24.15 8.56 -19.62
N PHE B 44 24.58 7.85 -18.58
CA PHE B 44 25.55 8.36 -17.62
C PHE B 44 26.98 7.98 -17.97
N ASP B 45 27.21 7.39 -19.14
CA ASP B 45 28.56 7.08 -19.59
C ASP B 45 29.49 8.27 -19.46
N THR B 46 29.02 9.44 -19.90
CA THR B 46 29.84 10.65 -19.94
C THR B 46 29.28 11.70 -18.99
N GLN B 47 30.15 12.59 -18.54
CA GLN B 47 29.75 13.67 -17.64
C GLN B 47 28.78 14.65 -18.28
N GLU B 48 28.64 14.64 -19.61
CA GLU B 48 27.60 15.45 -20.23
C GLU B 48 26.21 14.90 -19.90
N GLY B 49 26.01 13.59 -20.09
CA GLY B 49 24.73 13.01 -19.80
C GLY B 49 24.42 12.95 -18.32
N ILE B 50 25.46 12.90 -17.49
CA ILE B 50 25.24 12.84 -16.03
C ILE B 50 24.57 14.10 -15.53
N ASP B 51 25.16 15.26 -15.83
CA ASP B 51 24.55 16.51 -15.39
C ASP B 51 23.24 16.79 -16.11
N LYS B 52 23.10 16.30 -17.34
CA LYS B 52 21.95 16.65 -18.18
C LYS B 52 20.74 15.76 -17.86
N TYR B 53 20.87 14.46 -18.06
CA TYR B 53 19.74 13.54 -18.02
C TYR B 53 19.39 13.06 -16.62
N THR B 54 20.26 13.22 -15.63
CA THR B 54 19.92 12.80 -14.27
C THR B 54 18.73 13.55 -13.70
N PRO B 55 18.59 14.88 -13.83
CA PRO B 55 17.39 15.53 -13.30
C PRO B 55 16.10 14.98 -13.88
N VAL B 56 16.03 14.76 -15.19
CA VAL B 56 14.80 14.24 -15.78
C VAL B 56 14.66 12.74 -15.50
N TYR B 57 15.76 12.02 -15.29
CA TYR B 57 15.66 10.65 -14.83
C TYR B 57 14.99 10.57 -13.47
N LYS B 58 15.45 11.41 -12.53
CA LYS B 58 14.81 11.47 -11.22
C LYS B 58 13.42 12.10 -11.29
N GLU B 59 13.12 12.84 -12.35
CA GLU B 59 11.79 13.42 -12.51
C GLU B 59 10.78 12.38 -12.96
N VAL B 60 11.18 11.47 -13.86
CA VAL B 60 10.22 10.55 -14.45
C VAL B 60 9.84 9.45 -13.46
N PHE B 61 10.82 8.85 -12.79
CA PHE B 61 10.51 7.81 -11.81
C PHE B 61 9.74 8.38 -10.63
N THR B 62 10.15 9.54 -10.13
CA THR B 62 9.42 10.18 -9.06
C THR B 62 8.09 10.75 -9.53
N ALA B 63 7.91 10.92 -10.84
CA ALA B 63 6.60 11.29 -11.36
C ALA B 63 5.58 10.19 -11.09
N THR B 64 5.99 8.93 -11.26
CA THR B 64 5.25 7.85 -10.65
C THR B 64 5.28 8.02 -9.14
N THR B 65 4.21 7.60 -8.49
CA THR B 65 4.08 7.73 -7.06
C THR B 65 4.67 6.55 -6.30
N TYR B 66 5.37 5.67 -7.02
CA TYR B 66 5.80 4.38 -6.48
C TYR B 66 7.30 4.12 -6.64
N ILE B 67 7.77 4.07 -7.88
CA ILE B 67 9.13 3.61 -8.19
C ILE B 67 10.13 4.74 -7.92
N ILE B 68 11.07 4.50 -7.02
CA ILE B 68 12.08 5.48 -6.65
C ILE B 68 13.19 5.50 -7.70
N ALA B 69 13.79 6.68 -7.90
CA ALA B 69 14.76 6.89 -8.97
C ALA B 69 16.18 6.67 -8.46
N TYR B 70 16.90 5.73 -9.08
CA TYR B 70 18.31 5.49 -8.82
C TYR B 70 19.06 5.60 -10.14
N PRO B 71 19.48 6.81 -10.54
CA PRO B 71 20.06 6.98 -11.88
C PRO B 71 21.35 6.20 -12.09
N GLN B 72 22.31 6.32 -11.18
CA GLN B 72 23.63 5.76 -11.38
C GLN B 72 23.82 4.40 -10.74
N GLN B 73 22.79 3.89 -10.05
CA GLN B 73 22.86 2.60 -9.35
C GLN B 73 21.71 1.73 -9.84
N PRO B 74 21.87 1.10 -11.01
CA PRO B 74 20.78 0.29 -11.56
C PRO B 74 20.41 -0.92 -10.72
N GLN B 75 21.27 -1.32 -9.79
CA GLN B 75 20.95 -2.49 -8.96
C GLN B 75 19.72 -2.23 -8.10
N TYR B 76 19.58 -1.01 -7.58
CA TYR B 76 18.44 -0.65 -6.73
C TYR B 76 17.26 -0.09 -7.51
N GLN B 77 17.40 0.08 -8.82
CA GLN B 77 16.41 0.85 -9.59
C GLN B 77 15.03 0.22 -9.49
N PHE B 78 14.91 -1.04 -9.84
CA PHE B 78 13.65 -1.78 -9.80
C PHE B 78 13.45 -2.56 -8.51
N GLN B 79 14.29 -2.30 -7.50
CA GLN B 79 14.36 -3.10 -6.28
C GLN B 79 12.99 -3.44 -5.70
N TYR B 80 12.08 -2.48 -5.62
CA TYR B 80 10.78 -2.80 -5.02
C TYR B 80 9.91 -3.64 -5.94
N GLN B 81 10.23 -3.69 -7.24
CA GLN B 81 9.49 -4.55 -8.16
C GLN B 81 9.95 -6.00 -8.04
N TRP B 82 11.25 -6.22 -7.90
CA TRP B 82 11.73 -7.58 -7.66
C TRP B 82 11.22 -8.13 -6.34
N TRP B 83 10.90 -7.26 -5.38
CA TRP B 83 10.45 -7.72 -4.07
C TRP B 83 9.09 -8.39 -4.16
N ILE B 84 8.11 -7.73 -4.80
CA ILE B 84 6.78 -8.29 -4.90
C ILE B 84 6.79 -9.58 -5.70
N ILE B 85 7.81 -9.79 -6.54
CA ILE B 85 7.92 -11.04 -7.29
C ILE B 85 8.29 -12.20 -6.36
N GLN B 86 9.17 -11.96 -5.40
CA GLN B 86 9.51 -13.01 -4.44
C GLN B 86 8.37 -13.24 -3.46
N PHE B 87 7.73 -12.16 -3.01
CA PHE B 87 6.59 -12.30 -2.11
C PHE B 87 5.47 -13.10 -2.77
N GLU B 88 5.25 -12.87 -4.07
CA GLU B 88 4.27 -13.66 -4.81
C GLU B 88 4.66 -15.13 -4.86
N LEU B 89 5.95 -15.41 -4.99
CA LEU B 89 6.41 -16.80 -5.00
C LEU B 89 6.27 -17.42 -3.62
N PHE B 90 6.61 -16.68 -2.57
CA PHE B 90 6.46 -17.20 -1.21
C PHE B 90 5.01 -17.55 -0.92
N VAL B 91 4.07 -16.71 -1.38
CA VAL B 91 2.66 -17.05 -1.23
C VAL B 91 2.31 -18.24 -2.11
N PHE B 92 2.98 -18.39 -3.25
CA PHE B 92 2.72 -19.54 -4.12
C PHE B 92 3.05 -20.84 -3.39
N LEU B 93 4.20 -20.89 -2.73
CA LEU B 93 4.52 -22.05 -1.89
C LEU B 93 3.38 -22.35 -0.93
N LEU B 94 2.83 -21.31 -0.31
CA LEU B 94 1.73 -21.47 0.63
C LEU B 94 0.47 -21.95 -0.07
N THR B 95 0.03 -21.22 -1.10
CA THR B 95 -1.23 -21.57 -1.75
C THR B 95 -1.11 -22.80 -2.63
N ALA B 96 0.08 -23.13 -3.13
CA ALA B 96 0.23 -24.38 -3.85
C ALA B 96 0.28 -25.58 -2.90
N ALA B 97 0.93 -25.41 -1.75
CA ALA B 97 0.88 -26.46 -0.73
C ALA B 97 -0.56 -26.70 -0.30
N CYS B 98 -1.35 -25.62 -0.17
CA CYS B 98 -2.77 -25.77 0.11
C CYS B 98 -3.48 -26.50 -1.03
N THR B 99 -3.16 -26.16 -2.28
CA THR B 99 -3.90 -26.73 -3.40
C THR B 99 -3.45 -28.13 -3.75
N VAL B 100 -2.16 -28.45 -3.58
CA VAL B 100 -1.68 -29.78 -3.91
C VAL B 100 -1.99 -30.76 -2.79
N PHE B 101 -1.89 -30.31 -1.53
CA PHE B 101 -2.20 -31.11 -0.35
C PHE B 101 -3.33 -30.41 0.39
N PRO B 102 -4.59 -30.62 -0.02
CA PRO B 102 -5.71 -29.90 0.61
C PRO B 102 -5.86 -30.15 2.11
N SER B 103 -5.20 -31.18 2.65
CA SER B 103 -5.30 -31.44 4.09
C SER B 103 -4.81 -30.24 4.89
N ILE B 104 -3.70 -29.64 4.47
CA ILE B 104 -3.07 -28.54 5.21
C ILE B 104 -3.87 -27.24 5.14
N ILE B 105 -4.94 -27.19 4.33
CA ILE B 105 -5.66 -25.94 4.11
C ILE B 105 -6.20 -25.39 5.42
N LYS B 106 -6.98 -26.20 6.16
CA LYS B 106 -7.73 -25.69 7.31
C LYS B 106 -6.86 -24.92 8.28
N ARG B 107 -5.67 -25.45 8.59
CA ARG B 107 -4.78 -24.72 9.48
C ARG B 107 -4.01 -23.62 8.74
N MET B 108 -3.53 -23.91 7.53
CA MET B 108 -2.60 -23.01 6.85
C MET B 108 -3.27 -22.01 5.92
N ARG B 109 -4.57 -22.13 5.67
CA ARG B 109 -5.23 -21.18 4.77
C ARG B 109 -5.19 -19.75 5.32
N PRO B 110 -5.51 -19.48 6.59
CA PRO B 110 -5.38 -18.10 7.07
C PRO B 110 -3.96 -17.57 7.01
N VAL B 111 -2.95 -18.44 7.14
CA VAL B 111 -1.56 -18.03 6.93
C VAL B 111 -1.38 -17.53 5.51
N ALA B 112 -1.82 -18.33 4.53
CA ALA B 112 -1.68 -17.94 3.13
C ALA B 112 -2.62 -16.78 2.78
N LEU B 113 -3.79 -16.72 3.40
CA LEU B 113 -4.74 -15.64 3.09
C LEU B 113 -4.23 -14.30 3.58
N THR B 114 -3.69 -14.25 4.79
CA THR B 114 -3.18 -12.99 5.34
C THR B 114 -2.03 -12.47 4.50
N PHE B 115 -1.16 -13.36 4.02
CA PHE B 115 -0.04 -12.95 3.20
C PHE B 115 -0.50 -12.50 1.81
N ILE B 116 -1.37 -13.27 1.17
CA ILE B 116 -1.85 -12.89 -0.15
C ILE B 116 -2.73 -11.64 -0.08
N ALA B 117 -3.31 -11.35 1.09
CA ALA B 117 -4.03 -10.10 1.27
C ALA B 117 -3.09 -8.91 1.11
N SER B 118 -1.91 -8.99 1.75
CA SER B 118 -0.94 -7.91 1.64
C SER B 118 -0.28 -7.89 0.27
N ALA B 119 -0.05 -9.07 -0.31
CA ALA B 119 0.56 -9.14 -1.63
C ALA B 119 -0.31 -8.45 -2.68
N LEU B 120 -1.63 -8.51 -2.53
CA LEU B 120 -2.52 -8.00 -3.57
C LEU B 120 -2.44 -6.49 -3.69
N VAL B 121 -2.18 -5.78 -2.59
CA VAL B 121 -2.13 -4.33 -2.65
C VAL B 121 -0.81 -3.85 -3.25
N LEU B 122 0.28 -4.61 -3.04
CA LEU B 122 1.56 -4.23 -3.66
C LEU B 122 1.50 -4.41 -5.17
N VAL B 123 0.79 -5.43 -5.66
CA VAL B 123 0.63 -5.60 -7.09
C VAL B 123 -0.20 -4.46 -7.68
N MET B 124 -1.23 -4.03 -6.94
CA MET B 124 -2.06 -2.91 -7.40
C MET B 124 -1.25 -1.62 -7.46
N ASP B 125 -0.58 -1.27 -6.35
CA ASP B 125 0.23 -0.07 -6.32
C ASP B 125 1.25 -0.05 -7.45
N ASN B 126 1.81 -1.21 -7.79
CA ASN B 126 2.75 -1.30 -8.90
C ASN B 126 2.05 -0.99 -10.23
N ILE B 127 0.87 -1.56 -10.44
CA ILE B 127 0.16 -1.41 -11.71
C ILE B 127 -0.15 0.05 -11.99
N ASN B 128 -0.85 0.71 -11.06
CA ASN B 128 -1.18 2.12 -11.23
C ASN B 128 0.04 2.97 -11.49
N ALA B 129 1.20 2.57 -10.98
CA ALA B 129 2.43 3.31 -11.23
C ALA B 129 2.95 3.06 -12.64
N ILE B 130 3.29 1.81 -12.94
CA ILE B 130 3.83 1.45 -14.25
C ILE B 130 2.88 1.84 -15.39
N PHE B 131 1.60 2.04 -15.08
CA PHE B 131 0.68 2.58 -16.08
C PHE B 131 1.10 3.98 -16.52
N PHE B 132 1.51 4.82 -15.57
CA PHE B 132 2.02 6.15 -15.92
C PHE B 132 3.24 6.04 -16.82
N LEU B 133 4.11 5.06 -16.56
CA LEU B 133 5.26 4.84 -17.43
C LEU B 133 4.82 4.59 -18.87
N LEU B 134 3.79 3.76 -19.04
CA LEU B 134 3.26 3.49 -20.38
C LEU B 134 2.66 4.73 -21.01
N ARG B 135 2.04 5.60 -20.21
CA ARG B 135 1.41 6.81 -20.71
C ARG B 135 2.38 7.98 -20.82
N ASN B 136 3.65 7.79 -20.43
CA ASN B 136 4.64 8.85 -20.44
C ASN B 136 5.66 8.58 -21.53
N GLU B 137 5.82 9.54 -22.45
CA GLU B 137 6.61 9.30 -23.65
C GLU B 137 8.10 9.17 -23.35
N THR B 138 8.63 10.02 -22.47
CA THR B 138 10.07 10.02 -22.21
C THR B 138 10.51 8.70 -21.60
N ALA B 139 9.68 8.11 -20.74
CA ALA B 139 10.05 6.86 -20.10
C ALA B 139 10.07 5.70 -21.10
N LYS B 140 9.27 5.79 -22.17
CA LYS B 140 9.22 4.72 -23.16
C LYS B 140 10.38 4.76 -24.14
N ALA B 141 11.11 5.87 -24.22
CA ALA B 141 12.25 5.95 -25.12
C ALA B 141 13.50 5.29 -24.55
N VAL B 142 13.69 5.36 -23.23
CA VAL B 142 14.86 4.76 -22.60
C VAL B 142 14.60 3.26 -22.45
N PHE B 143 13.73 2.91 -21.51
CA PHE B 143 13.24 1.54 -21.42
C PHE B 143 12.16 1.36 -22.47
N ASP B 144 12.39 0.45 -23.41
CA ASP B 144 11.52 0.36 -24.57
C ASP B 144 10.09 -0.01 -24.16
N ASP B 145 9.12 0.45 -24.95
CA ASP B 145 7.73 0.28 -24.59
C ASP B 145 7.33 -1.18 -24.47
N TYR B 146 7.94 -2.06 -25.27
CA TYR B 146 7.59 -3.48 -25.17
C TYR B 146 8.04 -4.08 -23.85
N ARG B 147 9.13 -3.58 -23.27
CA ARG B 147 9.58 -4.10 -21.98
C ARG B 147 8.63 -3.69 -20.87
N ILE B 148 8.14 -2.46 -20.90
CA ILE B 148 7.24 -1.98 -19.85
C ILE B 148 5.89 -2.67 -19.95
N ALA B 149 5.38 -2.86 -21.17
CA ALA B 149 4.13 -3.59 -21.35
C ALA B 149 4.28 -5.04 -20.92
N THR B 150 5.42 -5.65 -21.24
CA THR B 150 5.69 -7.01 -20.78
C THR B 150 5.66 -7.09 -19.27
N ALA B 151 6.16 -6.06 -18.59
CA ALA B 151 6.08 -6.01 -17.13
C ALA B 151 4.65 -5.75 -16.68
N GLN B 152 3.97 -4.79 -17.32
CA GLN B 152 2.59 -4.49 -16.96
C GLN B 152 1.65 -5.63 -17.29
N ALA B 153 1.96 -6.41 -18.33
CA ALA B 153 1.19 -7.61 -18.63
C ALA B 153 1.15 -8.53 -17.42
N GLY B 154 2.32 -9.02 -17.00
CA GLY B 154 2.38 -9.95 -15.89
C GLY B 154 1.78 -9.42 -14.61
N LEU B 155 1.83 -8.10 -14.39
CA LEU B 155 1.26 -7.54 -13.18
C LEU B 155 -0.25 -7.63 -13.17
N ILE B 156 -0.89 -7.48 -14.33
CA ILE B 156 -2.34 -7.70 -14.41
C ILE B 156 -2.66 -9.18 -14.23
N MET B 157 -1.93 -10.04 -14.95
CA MET B 157 -2.16 -11.47 -14.84
C MET B 157 -1.90 -11.99 -13.42
N VAL B 158 -0.95 -11.38 -12.72
CA VAL B 158 -0.67 -11.80 -11.34
C VAL B 158 -1.79 -11.38 -10.41
N GLY B 159 -2.26 -10.13 -10.54
CA GLY B 159 -3.31 -9.65 -9.66
C GLY B 159 -4.61 -10.42 -9.80
N VAL B 160 -4.96 -10.79 -11.03
CA VAL B 160 -6.19 -11.54 -11.26
C VAL B 160 -6.10 -12.92 -10.63
N ALA B 161 -5.04 -13.66 -10.97
CA ALA B 161 -4.86 -14.99 -10.42
C ALA B 161 -4.83 -14.97 -8.90
N ASN B 162 -4.40 -13.85 -8.30
CA ASN B 162 -4.53 -13.69 -6.86
C ASN B 162 -5.99 -13.54 -6.45
N GLY B 163 -6.77 -12.80 -7.25
CA GLY B 163 -8.18 -12.66 -6.95
C GLY B 163 -8.94 -13.97 -7.10
N LEU B 164 -8.60 -14.75 -8.12
CA LEU B 164 -9.22 -16.06 -8.28
C LEU B 164 -8.80 -17.01 -7.16
N THR B 165 -7.52 -16.99 -6.81
CA THR B 165 -7.04 -17.82 -5.70
C THR B 165 -7.78 -17.49 -4.41
N ILE B 166 -7.87 -16.19 -4.09
CA ILE B 166 -8.56 -15.76 -2.88
C ILE B 166 -10.00 -16.24 -2.88
N PHE B 167 -10.64 -16.29 -4.05
CA PHE B 167 -12.03 -16.72 -4.13
C PHE B 167 -12.16 -18.20 -3.84
N PHE B 168 -11.42 -19.05 -4.56
CA PHE B 168 -11.59 -20.49 -4.43
C PHE B 168 -10.90 -21.04 -3.18
N LEU B 169 -9.65 -20.63 -2.94
CA LEU B 169 -8.95 -21.09 -1.74
C LEU B 169 -9.64 -20.59 -0.47
N GLY B 170 -10.24 -19.40 -0.53
CA GLY B 170 -10.97 -18.90 0.62
C GLY B 170 -12.28 -19.63 0.86
N SER B 171 -12.98 -19.98 -0.21
CA SER B 171 -14.30 -20.59 -0.13
C SER B 171 -14.25 -22.12 -0.15
N TYR B 172 -13.07 -22.72 -0.18
CA TYR B 172 -13.00 -24.17 -0.28
C TYR B 172 -13.44 -24.83 1.02
N ASP B 173 -14.25 -25.89 0.88
CA ASP B 173 -14.79 -26.65 2.02
C ASP B 173 -15.57 -25.75 2.99
N GLY C 4 -26.87 -14.90 22.51
CA GLY C 4 -26.43 -14.04 23.60
C GLY C 4 -25.91 -12.71 23.11
N LEU C 5 -24.59 -12.57 23.08
CA LEU C 5 -23.98 -11.44 22.40
C LEU C 5 -23.72 -11.73 20.92
N ASN C 6 -23.86 -12.99 20.50
CA ASN C 6 -23.79 -13.30 19.07
C ASN C 6 -24.96 -12.67 18.32
N LYS C 7 -26.08 -12.44 19.01
CA LYS C 7 -27.16 -11.63 18.45
C LYS C 7 -26.83 -10.15 18.50
N PHE C 8 -26.07 -9.73 19.52
CA PHE C 8 -25.54 -8.37 19.56
C PHE C 8 -24.63 -8.10 18.38
N ILE C 9 -23.91 -9.12 17.91
CA ILE C 9 -22.89 -8.92 16.88
C ILE C 9 -23.52 -8.73 15.50
N TYR C 10 -24.53 -9.54 15.17
CA TYR C 10 -25.18 -9.40 13.87
C TYR C 10 -25.75 -7.99 13.68
N VAL C 11 -26.11 -7.32 14.77
CA VAL C 11 -26.59 -5.95 14.68
C VAL C 11 -25.45 -5.02 14.24
N GLY C 12 -24.29 -5.13 14.90
CA GLY C 12 -23.17 -4.28 14.54
C GLY C 12 -22.71 -4.49 13.10
N LEU C 13 -22.79 -5.73 12.62
CA LEU C 13 -22.48 -5.99 11.21
C LEU C 13 -23.51 -5.33 10.30
N VAL C 14 -24.79 -5.35 10.70
CA VAL C 14 -25.84 -4.70 9.92
C VAL C 14 -25.57 -3.20 9.83
N ILE C 15 -25.12 -2.59 10.93
CA ILE C 15 -24.83 -1.16 10.95
C ILE C 15 -23.70 -0.84 9.97
N SER C 16 -22.59 -1.59 10.06
CA SER C 16 -21.41 -1.26 9.28
C SER C 16 -21.67 -1.34 7.77
N GLN C 17 -22.64 -2.17 7.36
CA GLN C 17 -23.00 -2.22 5.95
C GLN C 17 -23.75 -0.96 5.53
N LEU C 18 -24.61 -0.44 6.39
CA LEU C 18 -25.19 0.88 6.15
C LEU C 18 -24.10 1.94 6.20
N LEU C 19 -23.23 1.87 7.19
CA LEU C 19 -22.10 2.80 7.29
C LEU C 19 -21.25 2.77 6.02
N THR C 20 -20.92 1.56 5.55
CA THR C 20 -20.21 1.42 4.28
C THR C 20 -20.97 2.08 3.14
N LEU C 21 -22.19 1.60 2.86
CA LEU C 21 -22.99 2.17 1.78
C LEU C 21 -23.18 3.66 1.95
N ALA C 22 -23.33 4.13 3.19
CA ALA C 22 -23.36 5.56 3.44
C ALA C 22 -22.04 6.20 3.06
N ALA C 23 -20.93 5.60 3.51
CA ALA C 23 -19.61 6.11 3.15
C ALA C 23 -19.41 6.10 1.64
N TYR C 24 -19.77 4.99 1.00
CA TYR C 24 -19.54 4.83 -0.44
C TYR C 24 -20.09 6.00 -1.24
N VAL C 25 -21.30 6.46 -0.89
CA VAL C 25 -21.91 7.57 -1.62
C VAL C 25 -21.14 8.86 -1.39
N VAL C 26 -20.59 9.04 -0.18
CA VAL C 26 -19.85 10.27 0.11
C VAL C 26 -18.54 10.30 -0.67
N VAL C 27 -17.89 9.17 -0.87
CA VAL C 27 -16.68 9.15 -1.68
C VAL C 27 -17.02 9.38 -3.15
N THR C 28 -18.05 8.69 -3.64
CA THR C 28 -18.51 8.92 -5.01
C THR C 28 -18.83 10.40 -5.23
N ALA C 29 -19.43 11.05 -4.24
CA ALA C 29 -19.67 12.49 -4.31
C ALA C 29 -18.37 13.25 -4.50
N GLY C 30 -17.47 13.17 -3.52
CA GLY C 30 -16.24 13.96 -3.57
C GLY C 30 -15.38 13.63 -4.77
N ALA C 31 -15.33 12.36 -5.17
CA ALA C 31 -14.54 11.99 -6.34
C ALA C 31 -15.14 12.57 -7.62
N ALA C 32 -16.45 12.46 -7.79
CA ALA C 32 -17.11 13.03 -8.96
C ALA C 32 -16.99 14.55 -8.97
N LEU C 33 -16.95 15.18 -7.80
CA LEU C 33 -16.74 16.62 -7.72
C LEU C 33 -15.37 16.99 -8.28
N LEU C 34 -14.32 16.33 -7.80
CA LEU C 34 -12.97 16.63 -8.25
C LEU C 34 -12.76 16.26 -9.72
N GLN C 35 -13.37 15.16 -10.15
CA GLN C 35 -13.25 14.75 -11.55
C GLN C 35 -13.86 15.79 -12.47
N LYS C 36 -15.07 16.25 -12.14
CA LYS C 36 -15.68 17.35 -12.89
C LYS C 36 -14.77 18.57 -12.91
N LYS C 37 -14.32 19.00 -11.72
CA LYS C 37 -13.44 20.16 -11.63
C LYS C 37 -12.16 19.96 -12.43
N ALA C 38 -11.64 18.72 -12.45
CA ALA C 38 -10.47 18.45 -13.28
C ALA C 38 -10.83 18.40 -14.76
N ASN C 39 -12.03 17.90 -15.09
CA ASN C 39 -12.45 17.87 -16.49
C ASN C 39 -12.57 19.25 -17.08
N THR C 40 -12.98 20.24 -16.29
CA THR C 40 -13.09 21.62 -16.75
C THR C 40 -12.06 22.45 -15.99
N LEU C 41 -10.99 22.83 -16.68
CA LEU C 41 -9.93 23.64 -16.08
C LEU C 41 -9.48 24.69 -17.08
N THR C 42 -9.52 25.95 -16.67
CA THR C 42 -9.14 27.07 -17.52
C THR C 42 -7.63 27.12 -17.79
N LEU C 43 -6.85 26.29 -17.11
CA LEU C 43 -5.41 26.52 -17.03
C LEU C 43 -4.71 26.26 -18.36
N PHE C 44 -4.93 25.07 -18.94
CA PHE C 44 -4.14 24.61 -20.07
C PHE C 44 -4.71 25.01 -21.42
N ASP C 45 -5.79 25.78 -21.46
CA ASP C 45 -6.40 26.20 -22.73
C ASP C 45 -5.41 26.93 -23.62
N THR C 46 -5.03 28.14 -23.22
CA THR C 46 -4.04 28.90 -23.98
C THR C 46 -2.64 28.35 -23.73
N GLN C 47 -1.84 28.29 -24.78
CA GLN C 47 -0.50 27.70 -24.68
C GLN C 47 0.41 28.44 -23.71
N GLU C 48 0.08 29.69 -23.38
CA GLU C 48 0.83 30.37 -22.33
C GLU C 48 0.62 29.68 -20.98
N GLY C 49 -0.61 29.30 -20.68
CA GLY C 49 -0.92 28.59 -19.45
C GLY C 49 -0.57 27.12 -19.48
N ILE C 50 0.05 26.63 -20.56
CA ILE C 50 0.56 25.26 -20.60
C ILE C 50 1.97 25.28 -20.05
N ASP C 51 2.88 25.98 -20.74
CA ASP C 51 4.24 26.10 -20.26
C ASP C 51 4.29 26.71 -18.86
N LYS C 52 3.32 27.56 -18.53
CA LYS C 52 3.27 28.13 -17.18
C LYS C 52 2.80 27.09 -16.16
N TYR C 53 1.62 26.50 -16.38
CA TYR C 53 0.96 25.71 -15.35
C TYR C 53 1.22 24.21 -15.43
N THR C 54 1.81 23.70 -16.51
CA THR C 54 2.07 22.26 -16.57
C THR C 54 3.10 21.84 -15.53
N PRO C 55 4.24 22.52 -15.37
CA PRO C 55 5.14 22.15 -14.25
C PRO C 55 4.50 22.31 -12.89
N VAL C 56 3.77 23.40 -12.65
CA VAL C 56 3.18 23.64 -11.34
C VAL C 56 2.11 22.60 -11.03
N TYR C 57 1.31 22.24 -12.03
CA TYR C 57 0.32 21.17 -11.86
C TYR C 57 1.01 19.86 -11.51
N LYS C 58 2.07 19.53 -12.24
CA LYS C 58 2.76 18.26 -12.03
C LYS C 58 3.36 18.18 -10.63
N GLU C 59 3.91 19.29 -10.13
CA GLU C 59 4.68 19.24 -8.90
C GLU C 59 3.81 19.20 -7.64
N VAL C 60 2.57 19.70 -7.70
CA VAL C 60 1.70 19.61 -6.55
C VAL C 60 1.07 18.22 -6.44
N PHE C 61 0.69 17.63 -7.58
CA PHE C 61 0.12 16.30 -7.55
C PHE C 61 1.18 15.24 -7.30
N THR C 62 2.42 15.47 -7.75
CA THR C 62 3.51 14.56 -7.42
C THR C 62 3.88 14.68 -5.96
N ALA C 63 3.85 15.90 -5.40
CA ALA C 63 4.21 16.11 -4.01
C ALA C 63 3.37 15.24 -3.09
N THR C 64 2.08 15.10 -3.38
CA THR C 64 1.31 14.03 -2.76
C THR C 64 1.72 12.73 -3.44
N THR C 65 2.21 11.78 -2.65
CA THR C 65 2.97 10.64 -3.14
C THR C 65 2.09 9.48 -3.57
N TYR C 66 0.78 9.67 -3.66
CA TYR C 66 -0.14 8.66 -4.15
C TYR C 66 -0.73 9.05 -5.51
N ILE C 67 -1.42 10.19 -5.59
CA ILE C 67 -2.02 10.62 -6.85
C ILE C 67 -0.92 10.94 -7.85
N ILE C 68 -1.00 10.32 -9.03
CA ILE C 68 -0.10 10.66 -10.13
C ILE C 68 -0.67 11.85 -10.90
N ALA C 69 0.22 12.69 -11.41
CA ALA C 69 -0.17 13.90 -12.13
C ALA C 69 -0.37 13.59 -13.61
N TYR C 70 -1.59 13.84 -14.10
CA TYR C 70 -1.92 13.76 -15.52
C TYR C 70 -2.46 15.12 -15.95
N PRO C 71 -1.56 16.06 -16.29
CA PRO C 71 -1.99 17.46 -16.43
C PRO C 71 -3.02 17.70 -17.52
N GLN C 72 -2.77 17.20 -18.71
CA GLN C 72 -3.70 17.33 -19.83
C GLN C 72 -4.58 16.10 -20.00
N GLN C 73 -4.49 15.14 -19.09
CA GLN C 73 -5.35 13.97 -19.09
C GLN C 73 -6.21 14.00 -17.82
N PRO C 74 -7.30 14.77 -17.81
CA PRO C 74 -8.11 14.86 -16.60
C PRO C 74 -8.79 13.55 -16.24
N GLN C 75 -9.09 12.70 -17.23
CA GLN C 75 -9.72 11.42 -16.92
C GLN C 75 -8.77 10.50 -16.18
N TYR C 76 -7.46 10.64 -16.40
CA TYR C 76 -6.46 9.81 -15.75
C TYR C 76 -6.02 10.34 -14.40
N GLN C 77 -6.34 11.59 -14.07
CA GLN C 77 -5.81 12.22 -12.85
C GLN C 77 -6.18 11.41 -11.62
N PHE C 78 -7.47 11.11 -11.46
CA PHE C 78 -7.99 10.41 -10.29
C PHE C 78 -8.12 8.90 -10.53
N GLN C 79 -7.56 8.39 -11.63
CA GLN C 79 -7.76 6.99 -12.01
C GLN C 79 -7.55 6.03 -10.84
N TYR C 80 -6.56 6.29 -9.98
CA TYR C 80 -6.34 5.38 -8.87
C TYR C 80 -7.29 5.63 -7.71
N GLN C 81 -7.85 6.84 -7.61
CA GLN C 81 -8.87 7.09 -6.59
C GLN C 81 -10.22 6.51 -7.02
N TRP C 82 -10.54 6.58 -8.31
CA TRP C 82 -11.71 5.88 -8.82
C TRP C 82 -11.61 4.38 -8.62
N TRP C 83 -10.39 3.85 -8.52
CA TRP C 83 -10.21 2.41 -8.39
C TRP C 83 -10.61 1.92 -7.00
N ILE C 84 -10.12 2.58 -5.95
CA ILE C 84 -10.41 2.13 -4.60
C ILE C 84 -11.91 2.23 -4.32
N ILE C 85 -12.61 3.13 -5.02
CA ILE C 85 -14.06 3.18 -4.91
C ILE C 85 -14.68 1.96 -5.58
N GLN C 86 -14.22 1.62 -6.79
CA GLN C 86 -14.71 0.41 -7.45
C GLN C 86 -14.41 -0.82 -6.62
N PHE C 87 -13.18 -0.93 -6.13
CA PHE C 87 -12.79 -2.08 -5.31
C PHE C 87 -13.65 -2.16 -4.05
N GLU C 88 -13.80 -1.02 -3.35
CA GLU C 88 -14.55 -1.01 -2.10
C GLU C 88 -16.01 -1.40 -2.32
N LEU C 89 -16.56 -1.10 -3.50
CA LEU C 89 -17.91 -1.55 -3.81
C LEU C 89 -17.96 -3.06 -4.03
N PHE C 90 -16.96 -3.60 -4.72
CA PHE C 90 -16.86 -5.05 -4.89
C PHE C 90 -16.80 -5.75 -3.54
N VAL C 91 -16.06 -5.17 -2.59
CA VAL C 91 -16.03 -5.72 -1.24
C VAL C 91 -17.41 -5.60 -0.60
N PHE C 92 -18.03 -4.43 -0.73
CA PHE C 92 -19.35 -4.22 -0.13
C PHE C 92 -20.37 -5.19 -0.72
N LEU C 93 -20.30 -5.44 -2.03
CA LEU C 93 -21.16 -6.46 -2.63
C LEU C 93 -21.04 -7.79 -1.90
N LEU C 94 -19.84 -8.13 -1.47
CA LEU C 94 -19.62 -9.34 -0.67
C LEU C 94 -20.08 -9.12 0.77
N THR C 95 -19.47 -8.17 1.47
CA THR C 95 -19.77 -7.96 2.88
C THR C 95 -21.27 -7.72 3.13
N ALA C 96 -21.95 -7.06 2.20
CA ALA C 96 -23.39 -6.87 2.36
C ALA C 96 -24.14 -8.18 2.12
N ALA C 97 -23.77 -8.92 1.08
CA ALA C 97 -24.38 -10.22 0.83
C ALA C 97 -24.06 -11.20 1.95
N CYS C 98 -22.98 -10.97 2.70
CA CYS C 98 -22.75 -11.73 3.92
C CYS C 98 -23.80 -11.43 4.97
N THR C 99 -24.31 -10.20 4.99
CA THR C 99 -25.28 -9.79 6.00
C THR C 99 -26.69 -10.26 5.64
N VAL C 100 -27.07 -10.15 4.37
CA VAL C 100 -28.44 -10.45 3.99
C VAL C 100 -28.71 -11.95 4.09
N PHE C 101 -27.76 -12.78 3.67
CA PHE C 101 -27.85 -14.23 3.79
C PHE C 101 -26.71 -14.67 4.71
N PRO C 102 -26.88 -14.54 6.03
CA PRO C 102 -25.80 -14.92 6.95
C PRO C 102 -25.39 -16.38 6.88
N SER C 103 -26.18 -17.23 6.22
CA SER C 103 -25.87 -18.65 6.14
C SER C 103 -24.54 -18.90 5.44
N ILE C 104 -24.10 -17.98 4.58
CA ILE C 104 -22.95 -18.21 3.73
C ILE C 104 -21.67 -17.65 4.35
N ILE C 105 -21.77 -17.14 5.59
CA ILE C 105 -20.59 -16.58 6.24
C ILE C 105 -19.53 -17.66 6.46
N LYS C 106 -19.94 -18.89 6.73
CA LYS C 106 -18.98 -19.98 6.91
C LYS C 106 -18.05 -20.08 5.72
N ARG C 107 -18.62 -20.11 4.51
CA ARG C 107 -17.82 -20.34 3.31
C ARG C 107 -17.06 -19.08 2.88
N MET C 108 -17.74 -17.96 2.79
CA MET C 108 -17.23 -16.80 2.07
C MET C 108 -16.59 -15.73 2.95
N ARG C 109 -16.59 -15.89 4.27
CA ARG C 109 -15.98 -14.86 5.12
C ARG C 109 -14.47 -14.74 4.91
N PRO C 110 -13.68 -15.82 4.83
CA PRO C 110 -12.25 -15.65 4.55
C PRO C 110 -11.96 -14.93 3.24
N VAL C 111 -12.86 -15.01 2.26
CA VAL C 111 -12.67 -14.31 0.99
C VAL C 111 -12.84 -12.81 1.19
N ALA C 112 -13.92 -12.41 1.88
CA ALA C 112 -14.23 -11.00 2.03
C ALA C 112 -13.17 -10.28 2.86
N LEU C 113 -12.64 -10.94 3.90
CA LEU C 113 -11.61 -10.31 4.71
C LEU C 113 -10.32 -10.14 3.94
N THR C 114 -9.94 -11.14 3.14
CA THR C 114 -8.72 -11.04 2.34
C THR C 114 -8.78 -9.84 1.41
N PHE C 115 -9.96 -9.52 0.89
CA PHE C 115 -10.11 -8.35 0.04
C PHE C 115 -10.17 -7.06 0.85
N ILE C 116 -10.93 -7.05 1.95
CA ILE C 116 -11.05 -5.84 2.74
C ILE C 116 -9.76 -5.52 3.47
N ALA C 117 -8.92 -6.52 3.72
CA ALA C 117 -7.58 -6.24 4.24
C ALA C 117 -6.78 -5.44 3.24
N SER C 118 -6.84 -5.84 1.97
CA SER C 118 -6.13 -5.11 0.92
C SER C 118 -6.73 -3.73 0.71
N ALA C 119 -8.06 -3.64 0.72
CA ALA C 119 -8.73 -2.36 0.45
C ALA C 119 -8.35 -1.31 1.49
N LEU C 120 -8.22 -1.72 2.75
CA LEU C 120 -7.95 -0.77 3.82
C LEU C 120 -6.61 -0.06 3.61
N VAL C 121 -5.66 -0.72 2.95
CA VAL C 121 -4.34 -0.11 2.74
C VAL C 121 -4.43 1.01 1.73
N LEU C 122 -5.23 0.83 0.68
CA LEU C 122 -5.34 1.85 -0.36
C LEU C 122 -6.07 3.09 0.15
N VAL C 123 -6.99 2.92 1.09
CA VAL C 123 -7.66 4.07 1.70
C VAL C 123 -6.69 4.82 2.60
N MET C 124 -5.96 4.11 3.44
CA MET C 124 -4.98 4.75 4.32
C MET C 124 -3.93 5.50 3.52
N ASP C 125 -3.43 4.89 2.43
CA ASP C 125 -2.50 5.59 1.55
C ASP C 125 -3.14 6.85 0.98
N ASN C 126 -4.42 6.78 0.63
CA ASN C 126 -5.12 7.94 0.08
C ASN C 126 -5.24 9.06 1.11
N ILE C 127 -5.73 8.73 2.31
CA ILE C 127 -6.00 9.75 3.33
C ILE C 127 -4.72 10.52 3.66
N ASN C 128 -3.62 9.80 3.89
CA ASN C 128 -2.34 10.44 4.13
C ASN C 128 -1.93 11.33 2.95
N ALA C 129 -2.28 10.94 1.73
CA ALA C 129 -1.91 11.73 0.56
C ALA C 129 -2.83 12.93 0.39
N ILE C 130 -4.15 12.73 0.57
CA ILE C 130 -5.09 13.82 0.38
C ILE C 130 -5.05 14.81 1.54
N PHE C 131 -4.61 14.39 2.73
CA PHE C 131 -4.38 15.34 3.81
C PHE C 131 -3.38 16.41 3.40
N PHE C 132 -2.38 16.03 2.59
CA PHE C 132 -1.46 17.02 2.05
C PHE C 132 -2.16 17.98 1.10
N LEU C 133 -3.16 17.49 0.36
CA LEU C 133 -3.88 18.36 -0.57
C LEU C 133 -4.62 19.46 0.19
N LEU C 134 -5.22 19.13 1.34
CA LEU C 134 -5.94 20.14 2.11
C LEU C 134 -5.00 21.15 2.75
N ARG C 135 -3.77 20.75 3.04
CA ARG C 135 -2.79 21.65 3.65
C ARG C 135 -2.07 22.51 2.62
N ASN C 136 -2.37 22.33 1.33
CA ASN C 136 -1.70 23.03 0.25
C ASN C 136 -2.64 24.07 -0.33
N GLU C 137 -2.25 25.34 -0.29
CA GLU C 137 -3.13 26.42 -0.71
C GLU C 137 -3.41 26.37 -2.22
N THR C 138 -2.37 26.14 -3.03
CA THR C 138 -2.56 26.07 -4.47
C THR C 138 -3.53 24.95 -4.85
N ALA C 139 -3.47 23.83 -4.14
CA ALA C 139 -4.42 22.75 -4.38
C ALA C 139 -5.84 23.19 -4.09
N LYS C 140 -6.07 23.77 -2.91
CA LYS C 140 -7.40 24.25 -2.55
C LYS C 140 -7.87 25.35 -3.50
N ALA C 141 -6.94 26.08 -4.12
CA ALA C 141 -7.32 27.13 -5.05
C ALA C 141 -7.84 26.55 -6.36
N VAL C 142 -7.06 25.69 -7.00
CA VAL C 142 -7.44 25.15 -8.31
C VAL C 142 -8.58 24.15 -8.16
N PHE C 143 -8.41 23.16 -7.28
CA PHE C 143 -9.46 22.22 -6.92
C PHE C 143 -10.13 22.73 -5.65
N ASP C 144 -11.44 22.93 -5.71
CA ASP C 144 -12.16 23.57 -4.62
C ASP C 144 -11.93 22.84 -3.30
N ASP C 145 -11.59 23.61 -2.25
CA ASP C 145 -11.20 23.02 -0.99
C ASP C 145 -12.30 22.18 -0.36
N TYR C 146 -13.56 22.43 -0.70
CA TYR C 146 -14.64 21.59 -0.19
C TYR C 146 -14.74 20.28 -0.97
N ARG C 147 -14.43 20.31 -2.27
CA ARG C 147 -14.38 19.07 -3.03
C ARG C 147 -13.24 18.18 -2.56
N ILE C 148 -12.09 18.78 -2.22
CA ILE C 148 -10.99 18.02 -1.64
C ILE C 148 -11.40 17.43 -0.29
N ALA C 149 -12.19 18.19 0.47
CA ALA C 149 -12.60 17.73 1.80
C ALA C 149 -13.70 16.68 1.72
N THR C 150 -14.60 16.80 0.74
CA THR C 150 -15.68 15.83 0.61
C THR C 150 -15.12 14.44 0.33
N ALA C 151 -14.18 14.34 -0.61
CA ALA C 151 -13.53 13.07 -0.90
C ALA C 151 -12.82 12.52 0.33
N GLN C 152 -12.20 13.41 1.11
CA GLN C 152 -11.48 13.02 2.33
C GLN C 152 -12.39 12.30 3.32
N ALA C 153 -13.37 13.02 3.87
CA ALA C 153 -14.26 12.43 4.85
C ALA C 153 -15.00 11.22 4.30
N GLY C 154 -15.22 11.18 2.98
CA GLY C 154 -15.78 9.99 2.38
C GLY C 154 -14.89 8.77 2.58
N LEU C 155 -13.58 8.94 2.40
CA LEU C 155 -12.64 7.84 2.61
C LEU C 155 -12.47 7.51 4.08
N ILE C 156 -12.44 8.53 4.94
CA ILE C 156 -12.33 8.29 6.38
C ILE C 156 -13.52 7.48 6.87
N MET C 157 -14.71 7.77 6.35
CA MET C 157 -15.87 6.94 6.66
C MET C 157 -15.66 5.51 6.15
N VAL C 158 -15.08 5.36 4.96
CA VAL C 158 -14.86 4.03 4.39
C VAL C 158 -13.91 3.23 5.27
N GLY C 159 -12.79 3.83 5.65
CA GLY C 159 -11.84 3.13 6.50
C GLY C 159 -12.44 2.74 7.84
N VAL C 160 -13.22 3.63 8.44
CA VAL C 160 -13.86 3.31 9.71
C VAL C 160 -14.94 2.27 9.51
N ALA C 161 -15.73 2.38 8.45
CA ALA C 161 -16.72 1.35 8.14
C ALA C 161 -16.06 0.01 7.84
N ASN C 162 -14.88 0.04 7.22
CA ASN C 162 -14.15 -1.21 7.01
C ASN C 162 -13.67 -1.79 8.34
N GLY C 163 -13.21 -0.94 9.25
CA GLY C 163 -12.80 -1.43 10.55
C GLY C 163 -13.92 -2.14 11.29
N LEU C 164 -15.13 -1.58 11.25
CA LEU C 164 -16.26 -2.24 11.89
C LEU C 164 -16.71 -3.46 11.10
N THR C 165 -16.64 -3.40 9.77
CA THR C 165 -16.90 -4.57 8.96
C THR C 165 -15.92 -5.70 9.28
N ILE C 166 -14.68 -5.34 9.62
CA ILE C 166 -13.67 -6.36 9.95
C ILE C 166 -14.00 -7.03 11.28
N PHE C 167 -14.35 -6.22 12.29
CA PHE C 167 -14.62 -6.77 13.62
C PHE C 167 -15.82 -7.72 13.60
N PHE C 168 -16.98 -7.22 13.15
CA PHE C 168 -18.23 -7.93 13.35
C PHE C 168 -18.33 -9.13 12.41
N LEU C 169 -18.04 -8.94 11.12
CA LEU C 169 -18.02 -10.08 10.22
C LEU C 169 -16.90 -11.04 10.57
N GLY C 170 -15.83 -10.54 11.19
CA GLY C 170 -14.74 -11.42 11.61
C GLY C 170 -15.16 -12.40 12.68
N SER C 171 -15.91 -11.94 13.67
CA SER C 171 -16.41 -12.79 14.74
C SER C 171 -17.93 -12.89 14.62
N TYR C 172 -18.41 -14.03 14.15
CA TYR C 172 -19.84 -14.29 14.09
C TYR C 172 -20.08 -15.79 14.14
N ASP C 173 -21.21 -16.19 14.72
CA ASP C 173 -21.55 -17.59 14.94
C ASP C 173 -20.47 -18.31 15.72
#